data_2CCZ
#
_entry.id   2CCZ
#
_cell.length_a   45.537
_cell.length_b   51.148
_cell.length_c   99.096
_cell.angle_alpha   90.00
_cell.angle_beta   90.00
_cell.angle_gamma   90.00
#
_symmetry.space_group_name_H-M   'P 21 21 21'
#
loop_
_entity.id
_entity.type
_entity.pdbx_description
1 polymer 'PRIMOSOMAL REPLICATION PROTEIN N'
2 polymer "5'-D(*TP*TP*TP*TP*TP*TP*TP*TP*TP*TP *TP*TP*TP*TP*T)-3'"
3 water water
#
loop_
_entity_poly.entity_id
_entity_poly.type
_entity_poly.pdbx_seq_one_letter_code
_entity_poly.pdbx_strand_id
1 'polypeptide(L)'
;MDPNSLMTNRLVLSGTVCRAPLRKVSPSGIPHCQFVLEHRSVQEEAGFHRQAWCQMPVIVSGHENQAITHSITVGSRITV
QGFISCHKAKNGLSKMVLHAEQIELIDSVDKLAAALEHHHHHH
;
A,B
2 'polydeoxyribonucleotide' (DT)(DT)(DT)(DT)(DT)(DT)(DT)(DT)(DT)(DT)(DT)(DT)(DT)(DT)(DT) C
#
# COMPACT_ATOMS: atom_id res chain seq x y z
N MET A 1 -10.92 5.45 21.71
CA MET A 1 -10.77 5.54 20.22
C MET A 1 -10.71 6.99 19.75
N ASP A 2 -9.58 7.66 19.96
CA ASP A 2 -9.47 9.05 19.54
C ASP A 2 -8.46 9.29 18.42
N PRO A 3 -7.16 9.00 18.64
CA PRO A 3 -6.18 9.23 17.56
C PRO A 3 -6.43 8.36 16.30
N ASN A 4 -6.91 7.12 16.50
CA ASN A 4 -7.21 6.26 15.34
C ASN A 4 -8.39 6.91 14.66
N SER A 5 -8.25 8.18 14.33
CA SER A 5 -9.28 8.95 13.70
C SER A 5 -8.70 9.30 12.36
N LEU A 6 -7.54 8.67 12.10
CA LEU A 6 -6.74 8.85 10.87
C LEU A 6 -5.55 7.86 10.86
N MET A 7 -5.77 6.65 11.36
CA MET A 7 -4.72 5.64 11.42
C MET A 7 -5.01 4.41 10.60
N THR A 8 -5.78 4.60 9.55
CA THR A 8 -6.17 3.52 8.70
C THR A 8 -5.24 3.38 7.53
N ASN A 9 -4.58 2.24 7.48
CA ASN A 9 -3.74 2.01 6.34
C ASN A 9 -3.45 0.53 6.26
N ARG A 10 -3.95 -0.05 5.17
CA ARG A 10 -3.82 -1.46 4.84
C ARG A 10 -3.38 -1.51 3.41
N LEU A 11 -2.44 -2.38 3.12
CA LEU A 11 -1.98 -2.52 1.76
C LEU A 11 -2.19 -3.98 1.50
N VAL A 12 -2.68 -4.32 0.33
CA VAL A 12 -2.84 -5.72 -0.03
C VAL A 12 -2.12 -5.80 -1.35
N LEU A 13 -1.03 -6.53 -1.37
CA LEU A 13 -0.28 -6.69 -2.61
C LEU A 13 0.00 -8.19 -2.86
N SER A 14 -0.29 -8.65 -4.06
CA SER A 14 -0.03 -10.03 -4.44
C SER A 14 1.19 -9.82 -5.31
N GLY A 15 2.03 -10.83 -5.46
CA GLY A 15 3.23 -10.70 -6.27
C GLY A 15 4.14 -11.90 -6.11
N THR A 16 5.22 -11.92 -6.89
CA THR A 16 6.16 -13.03 -6.82
C THR A 16 7.36 -12.57 -6.00
N VAL A 17 7.80 -13.34 -5.02
CA VAL A 17 8.96 -12.89 -4.26
C VAL A 17 10.24 -13.04 -5.10
N CYS A 18 11.05 -11.98 -5.18
CA CYS A 18 12.27 -12.02 -5.96
C CYS A 18 13.57 -12.06 -5.13
N ARG A 19 13.42 -11.80 -3.84
CA ARG A 19 14.54 -11.83 -2.91
C ARG A 19 14.10 -12.76 -1.78
N ALA A 20 14.84 -13.86 -1.62
CA ALA A 20 14.60 -14.88 -0.62
C ALA A 20 14.54 -14.34 0.81
N PRO A 21 13.84 -15.07 1.69
CA PRO A 21 13.71 -14.65 3.09
C PRO A 21 14.99 -14.61 3.90
N LEU A 22 15.42 -13.39 4.25
CA LEU A 22 16.61 -13.15 5.06
C LEU A 22 16.16 -13.11 6.53
N ARG A 23 16.35 -14.21 7.24
CA ARG A 23 15.92 -14.22 8.64
C ARG A 23 16.94 -13.67 9.62
N LYS A 24 16.44 -13.04 10.69
CA LYS A 24 17.31 -12.49 11.72
C LYS A 24 16.48 -12.41 12.97
N VAL A 25 17.13 -12.22 14.11
CA VAL A 25 16.40 -12.13 15.37
C VAL A 25 16.88 -10.98 16.23
N SER A 26 16.01 -10.02 16.49
CA SER A 26 16.41 -8.89 17.29
C SER A 26 16.39 -9.15 18.79
N PRO A 27 17.44 -8.65 19.46
CA PRO A 27 17.75 -8.70 20.88
C PRO A 27 16.67 -9.26 21.78
N SER A 28 15.44 -8.80 21.58
CA SER A 28 14.34 -9.22 22.43
C SER A 28 13.92 -10.63 22.09
N GLY A 29 14.67 -11.27 21.19
CA GLY A 29 14.35 -12.64 20.84
C GLY A 29 13.26 -12.80 19.78
N ILE A 30 12.87 -11.69 19.15
CA ILE A 30 11.83 -11.73 18.13
C ILE A 30 12.42 -12.12 16.78
N PRO A 31 11.77 -13.01 16.03
CA PRO A 31 12.35 -13.37 14.73
C PRO A 31 11.72 -12.62 13.59
N HIS A 32 12.52 -12.12 12.64
CA HIS A 32 11.94 -11.48 11.47
C HIS A 32 12.58 -11.96 10.17
N CYS A 33 11.80 -11.87 9.11
CA CYS A 33 12.25 -12.33 7.83
C CYS A 33 11.84 -11.41 6.68
N GLN A 34 12.81 -10.84 5.97
CA GLN A 34 12.50 -9.94 4.87
C GLN A 34 12.59 -10.61 3.53
N PHE A 35 12.17 -9.90 2.49
CA PHE A 35 12.24 -10.33 1.10
C PHE A 35 11.65 -9.24 0.24
N VAL A 36 11.89 -9.30 -1.07
CA VAL A 36 11.37 -8.27 -1.95
C VAL A 36 10.35 -8.87 -2.91
N LEU A 37 9.08 -8.49 -2.76
CA LEU A 37 7.99 -9.01 -3.58
C LEU A 37 7.93 -8.22 -4.86
N GLU A 38 7.82 -8.87 -6.00
CA GLU A 38 7.71 -8.11 -7.24
C GLU A 38 6.26 -8.23 -7.67
N HIS A 39 5.59 -7.09 -7.75
CA HIS A 39 4.22 -7.09 -8.14
C HIS A 39 4.17 -6.52 -9.53
N ARG A 40 3.28 -7.06 -10.38
CA ARG A 40 3.15 -6.59 -11.75
C ARG A 40 1.70 -6.88 -12.07
N SER A 41 1.03 -5.91 -12.66
CA SER A 41 -0.37 -6.08 -13.01
C SER A 41 -0.84 -5.03 -14.01
N VAL A 42 -2.02 -5.25 -14.54
CA VAL A 42 -2.66 -4.33 -15.48
C VAL A 42 -3.63 -3.68 -14.52
N GLN A 43 -3.69 -2.34 -14.52
CA GLN A 43 -4.63 -1.59 -13.66
C GLN A 43 -5.39 -0.60 -14.51
N GLU A 44 -6.70 -0.45 -14.27
CA GLU A 44 -7.49 0.52 -15.05
C GLU A 44 -7.62 1.87 -14.31
N GLU A 45 -7.35 2.94 -15.02
CA GLU A 45 -7.38 4.29 -14.50
C GLU A 45 -7.95 5.25 -15.55
N ALA A 46 -9.00 5.99 -15.22
CA ALA A 46 -9.51 6.91 -16.22
C ALA A 46 -10.20 6.18 -17.38
N GLY A 47 -10.80 5.03 -17.07
CA GLY A 47 -11.51 4.21 -18.03
C GLY A 47 -10.58 3.52 -18.99
N PHE A 48 -9.31 3.55 -18.68
CA PHE A 48 -8.32 2.92 -19.52
C PHE A 48 -7.44 2.08 -18.64
N HIS A 49 -6.47 1.40 -19.24
CA HIS A 49 -5.57 0.51 -18.50
C HIS A 49 -4.09 0.85 -18.67
N ARG A 50 -3.33 0.51 -17.65
CA ARG A 50 -1.92 0.82 -17.65
C ARG A 50 -1.28 -0.19 -16.71
N GLN A 51 -0.01 -0.45 -16.92
CA GLN A 51 0.71 -1.41 -16.08
C GLN A 51 1.10 -0.87 -14.70
N ALA A 52 1.05 -1.75 -13.70
CA ALA A 52 1.42 -1.38 -12.32
C ALA A 52 2.51 -2.34 -11.84
N TRP A 53 3.75 -1.87 -11.87
CA TRP A 53 4.93 -2.68 -11.47
C TRP A 53 5.62 -2.10 -10.23
N CYS A 54 5.84 -2.93 -9.22
CA CYS A 54 6.48 -2.43 -8.01
C CYS A 54 7.20 -3.47 -7.16
N GLN A 55 8.33 -3.07 -6.59
CA GLN A 55 9.08 -3.97 -5.70
C GLN A 55 8.82 -3.50 -4.28
N MET A 56 8.17 -4.34 -3.53
CA MET A 56 7.82 -3.99 -2.17
C MET A 56 8.63 -4.81 -1.20
N PRO A 57 9.49 -4.14 -0.44
CA PRO A 57 10.29 -4.87 0.53
C PRO A 57 9.40 -5.22 1.69
N VAL A 58 8.92 -6.43 1.78
CA VAL A 58 8.08 -6.75 2.91
C VAL A 58 8.89 -7.45 4.00
N ILE A 59 8.35 -7.50 5.20
CA ILE A 59 9.05 -8.13 6.30
C ILE A 59 7.98 -8.65 7.21
N VAL A 60 8.20 -9.82 7.79
CA VAL A 60 7.23 -10.41 8.68
C VAL A 60 7.95 -10.62 10.00
N SER A 61 7.37 -10.11 11.07
CA SER A 61 8.02 -10.21 12.36
C SER A 61 7.16 -10.94 13.36
N GLY A 62 7.76 -11.34 14.50
CA GLY A 62 7.01 -12.05 15.52
C GLY A 62 6.83 -13.52 15.22
N HIS A 63 6.42 -14.27 16.23
CA HIS A 63 6.25 -15.72 16.09
C HIS A 63 5.20 -16.28 15.10
N GLU A 64 3.91 -16.14 15.41
CA GLU A 64 2.85 -16.69 14.56
C GLU A 64 3.17 -16.89 13.08
N ASN A 65 3.52 -15.80 12.40
CA ASN A 65 3.79 -15.84 10.96
C ASN A 65 5.17 -16.26 10.44
N GLN A 66 6.04 -16.75 11.31
CA GLN A 66 7.35 -17.13 10.82
C GLN A 66 7.24 -18.38 9.98
N ALA A 67 6.41 -19.32 10.43
CA ALA A 67 6.22 -20.58 9.73
C ALA A 67 5.89 -20.38 8.27
N ILE A 68 4.77 -19.74 7.98
CA ILE A 68 4.41 -19.53 6.58
C ILE A 68 5.59 -19.08 5.68
N THR A 69 6.57 -18.35 6.22
CA THR A 69 7.72 -17.90 5.42
C THR A 69 8.73 -19.01 5.13
N HIS A 70 8.98 -19.84 6.13
CA HIS A 70 9.93 -20.92 5.92
C HIS A 70 9.49 -21.71 4.70
N SER A 71 8.23 -21.51 4.32
CA SER A 71 7.63 -22.19 3.17
C SER A 71 7.54 -21.37 1.88
N ILE A 72 8.08 -20.14 1.87
CA ILE A 72 8.03 -19.30 0.66
C ILE A 72 9.37 -19.24 -0.12
N THR A 73 9.41 -20.01 -1.21
CA THR A 73 10.57 -20.14 -2.07
C THR A 73 10.71 -18.90 -2.92
N VAL A 74 11.79 -18.80 -3.68
CA VAL A 74 11.94 -17.65 -4.56
C VAL A 74 10.97 -17.94 -5.69
N GLY A 75 10.46 -16.89 -6.34
CA GLY A 75 9.53 -17.09 -7.43
C GLY A 75 8.25 -17.66 -6.88
N SER A 76 7.96 -17.30 -5.64
CA SER A 76 6.73 -17.78 -5.04
C SER A 76 5.62 -16.82 -5.47
N ARG A 77 4.39 -17.32 -5.60
CA ARG A 77 3.29 -16.43 -5.95
C ARG A 77 2.44 -16.30 -4.71
N ILE A 78 2.57 -15.16 -4.06
CA ILE A 78 1.86 -14.93 -2.82
C ILE A 78 1.13 -13.57 -2.79
N THR A 79 0.23 -13.42 -1.83
CA THR A 79 -0.48 -12.17 -1.63
C THR A 79 -0.25 -11.78 -0.17
N VAL A 80 0.40 -10.65 0.06
CA VAL A 80 0.63 -10.31 1.45
C VAL A 80 -0.28 -9.18 1.84
N GLN A 81 -0.49 -9.02 3.14
CA GLN A 81 -1.43 -8.04 3.65
C GLN A 81 -1.02 -7.53 5.02
N GLY A 82 -0.94 -6.19 5.15
CA GLY A 82 -0.54 -5.58 6.41
C GLY A 82 -0.33 -4.10 6.22
N PHE A 83 0.22 -3.40 7.23
CA PHE A 83 0.40 -1.95 7.09
C PHE A 83 1.68 -1.52 6.37
N ILE A 84 1.68 -0.30 5.86
CA ILE A 84 2.83 0.27 5.14
C ILE A 84 3.55 1.27 6.02
N SER A 85 4.86 1.37 5.87
CA SER A 85 5.64 2.30 6.66
C SER A 85 6.88 2.72 5.89
N CYS A 86 7.30 3.97 6.04
CA CYS A 86 8.47 4.39 5.27
C CYS A 86 9.37 5.50 5.81
N HIS A 87 10.10 6.19 4.93
CA HIS A 87 11.03 7.29 5.32
C HIS A 87 12.22 7.47 4.37
N LYS A 88 12.56 8.73 4.06
CA LYS A 88 13.69 9.03 3.19
C LYS A 88 14.24 10.45 3.36
N ALA A 89 14.54 10.81 4.61
CA ALA A 89 15.10 12.11 4.96
C ALA A 89 16.54 12.11 4.45
N LYS A 90 17.00 13.24 3.91
CA LYS A 90 18.35 13.32 3.37
C LYS A 90 19.50 13.17 4.38
N ASN A 91 19.22 12.56 5.47
CA ASN A 91 20.16 12.20 6.52
C ASN A 91 19.96 10.76 6.97
N GLY A 92 19.85 9.92 5.91
CA GLY A 92 19.56 8.51 6.13
C GLY A 92 18.25 8.15 5.42
N LEU A 93 18.28 8.03 4.10
CA LEU A 93 17.09 7.67 3.33
C LEU A 93 16.92 6.17 3.41
N SER A 94 15.96 5.70 4.19
CA SER A 94 15.72 4.27 4.32
C SER A 94 14.87 3.74 3.19
N LYS A 95 13.60 3.42 3.44
CA LYS A 95 12.77 2.91 2.36
C LYS A 95 11.35 2.53 2.77
N MET A 96 10.49 2.32 1.77
CA MET A 96 9.09 1.94 1.99
C MET A 96 9.06 0.43 2.26
N VAL A 97 8.26 0.04 3.24
CA VAL A 97 8.17 -1.36 3.63
C VAL A 97 6.79 -1.77 4.15
N LEU A 98 6.31 -2.90 3.63
CA LEU A 98 5.02 -3.44 4.02
C LEU A 98 5.13 -4.41 5.18
N HIS A 99 4.87 -3.95 6.39
CA HIS A 99 4.92 -4.87 7.50
C HIS A 99 3.72 -5.75 7.31
N ALA A 100 3.97 -7.05 7.20
CA ALA A 100 2.92 -8.03 6.95
C ALA A 100 2.32 -8.65 8.18
N GLU A 101 1.00 -8.82 8.19
CA GLU A 101 0.37 -9.47 9.33
C GLU A 101 -0.25 -10.78 8.81
N GLN A 102 -0.49 -10.82 7.50
CA GLN A 102 -1.14 -11.99 6.90
C GLN A 102 -0.68 -12.34 5.49
N ILE A 103 -0.48 -13.64 5.23
CA ILE A 103 -0.07 -14.18 3.94
C ILE A 103 -0.62 -15.58 3.63
N GLU A 104 -1.12 -15.72 2.42
CA GLU A 104 -1.65 -16.97 1.93
C GLU A 104 -0.96 -17.12 0.58
N LEU A 105 -0.68 -18.36 0.19
CA LEU A 105 0.01 -18.65 -1.08
C LEU A 105 -0.99 -18.67 -2.23
N ILE A 106 -0.59 -18.24 -3.42
CA ILE A 106 -1.52 -18.18 -4.55
C ILE A 106 -1.47 -19.17 -5.72
N ASP A 107 -0.57 -20.13 -5.70
CA ASP A 107 -0.54 -21.15 -6.77
C ASP A 107 -1.29 -22.34 -6.16
N SER A 108 -2.36 -22.82 -6.80
CA SER A 108 -3.13 -23.94 -6.24
C SER A 108 -2.41 -25.32 -6.34
N VAL A 109 -2.62 -26.18 -5.33
CA VAL A 109 -1.99 -27.51 -5.36
C VAL A 109 -2.26 -28.24 -6.69
N ASP A 110 -3.51 -28.33 -7.10
CA ASP A 110 -3.83 -29.03 -8.34
C ASP A 110 -3.02 -28.40 -9.45
N LYS A 111 -2.61 -27.15 -9.25
CA LYS A 111 -1.86 -26.47 -10.29
C LYS A 111 -0.41 -26.93 -10.42
N LEU A 112 0.35 -26.76 -9.34
CA LEU A 112 1.76 -27.11 -9.28
C LEU A 112 1.99 -28.60 -9.55
N ALA A 113 1.14 -29.44 -8.93
CA ALA A 113 1.20 -30.89 -9.10
C ALA A 113 1.18 -31.24 -10.59
N ALA A 114 0.43 -30.47 -11.35
CA ALA A 114 0.37 -30.72 -12.77
C ALA A 114 1.78 -30.77 -13.34
N ALA A 115 2.58 -29.77 -12.98
CA ALA A 115 3.96 -29.62 -13.49
C ALA A 115 5.02 -30.48 -12.83
N LEU A 116 4.60 -31.45 -12.04
CA LEU A 116 5.55 -32.31 -11.36
C LEU A 116 5.37 -33.77 -11.83
N GLU A 117 4.14 -34.14 -12.17
CA GLU A 117 3.86 -35.52 -12.61
C GLU A 117 3.64 -35.78 -14.11
N HIS A 118 3.43 -34.72 -14.89
CA HIS A 118 3.14 -34.86 -16.33
C HIS A 118 4.21 -35.32 -17.34
N HIS A 119 5.41 -34.78 -17.24
CA HIS A 119 6.47 -35.11 -18.17
C HIS A 119 6.74 -36.61 -18.39
N HIS A 120 6.59 -37.42 -17.33
CA HIS A 120 6.86 -38.88 -17.37
C HIS A 120 6.34 -39.80 -18.48
N HIS A 121 5.36 -40.66 -18.11
CA HIS A 121 4.75 -41.69 -18.98
C HIS A 121 4.09 -41.33 -20.32
N HIS A 122 4.49 -40.32 -20.93
N PRO B 3 -10.68 -7.49 -14.40
CA PRO B 3 -9.33 -7.94 -13.99
C PRO B 3 -9.25 -8.59 -12.62
N ASN B 4 -9.45 -9.92 -12.62
CA ASN B 4 -9.43 -10.73 -11.42
C ASN B 4 -8.05 -11.19 -10.90
N SER B 5 -7.80 -12.50 -11.07
CA SER B 5 -6.57 -13.22 -10.69
C SER B 5 -5.75 -12.87 -9.44
N LEU B 6 -4.59 -13.51 -9.37
CA LEU B 6 -3.66 -13.33 -8.27
C LEU B 6 -3.38 -11.85 -8.01
N MET B 7 -2.96 -11.17 -9.06
CA MET B 7 -2.62 -9.75 -9.08
C MET B 7 -3.59 -8.76 -8.45
N THR B 8 -3.41 -8.41 -7.18
CA THR B 8 -4.31 -7.46 -6.56
C THR B 8 -3.48 -6.40 -5.83
N ASN B 9 -3.76 -5.12 -6.12
CA ASN B 9 -3.05 -3.97 -5.57
C ASN B 9 -4.04 -2.92 -5.03
N ARG B 10 -4.24 -2.92 -3.71
CA ARG B 10 -5.13 -1.99 -3.07
C ARG B 10 -4.50 -1.42 -1.83
N LEU B 11 -4.28 -0.11 -1.81
CA LEU B 11 -3.77 0.56 -0.62
C LEU B 11 -4.89 1.47 -0.13
N VAL B 12 -5.11 1.51 1.18
CA VAL B 12 -6.12 2.42 1.74
C VAL B 12 -5.47 3.25 2.83
N LEU B 13 -4.93 4.40 2.43
CA LEU B 13 -4.24 5.29 3.36
C LEU B 13 -5.07 6.48 3.88
N SER B 14 -4.74 6.95 5.08
CA SER B 14 -5.41 8.09 5.69
C SER B 14 -4.30 8.96 6.22
N GLY B 15 -4.63 10.22 6.51
CA GLY B 15 -3.67 11.17 7.05
C GLY B 15 -3.98 12.61 6.70
N THR B 16 -2.99 13.49 6.95
CA THR B 16 -3.15 14.93 6.70
C THR B 16 -2.38 15.39 5.48
N VAL B 17 -3.08 15.93 4.49
CA VAL B 17 -2.40 16.38 3.27
C VAL B 17 -1.29 17.38 3.55
N CYS B 18 -0.07 16.91 3.32
CA CYS B 18 1.14 17.70 3.53
C CYS B 18 1.28 18.83 2.51
N ARG B 19 1.76 18.51 1.31
CA ARG B 19 1.97 19.52 0.27
C ARG B 19 0.81 19.64 -0.71
N ALA B 20 0.96 20.56 -1.66
CA ALA B 20 -0.01 20.79 -2.73
C ALA B 20 -1.46 21.04 -2.27
N PRO B 21 -2.48 20.53 -3.00
CA PRO B 21 -2.51 19.74 -4.23
C PRO B 21 -2.36 20.54 -5.52
N LEU B 22 -1.52 20.04 -6.41
CA LEU B 22 -1.27 20.67 -7.70
C LEU B 22 -2.24 20.03 -8.69
N ARG B 23 -3.15 20.84 -9.22
CA ARG B 23 -4.19 20.39 -10.15
C ARG B 23 -3.91 20.80 -11.60
N LYS B 24 -3.51 19.85 -12.43
CA LYS B 24 -3.25 20.16 -13.83
C LYS B 24 -4.02 19.24 -14.74
N VAL B 25 -4.26 19.72 -15.96
CA VAL B 25 -4.94 18.95 -16.98
C VAL B 25 -3.78 18.70 -17.92
N SER B 26 -3.58 17.45 -18.31
CA SER B 26 -2.46 17.13 -19.20
C SER B 26 -2.95 16.97 -20.63
N PRO B 27 -2.06 17.25 -21.62
CA PRO B 27 -2.27 17.18 -23.08
C PRO B 27 -3.04 15.98 -23.60
N SER B 28 -3.46 15.11 -22.70
CA SER B 28 -4.21 13.93 -23.07
C SER B 28 -5.70 14.14 -22.86
N GLY B 29 -6.03 15.18 -22.10
CA GLY B 29 -7.42 15.53 -21.83
C GLY B 29 -7.90 15.55 -20.39
N ILE B 30 -7.42 14.59 -19.61
CA ILE B 30 -7.82 14.49 -18.21
C ILE B 30 -7.20 15.45 -17.19
N PRO B 31 -7.97 15.75 -16.12
CA PRO B 31 -7.51 16.64 -15.06
C PRO B 31 -6.66 15.72 -14.20
N HIS B 32 -5.57 16.21 -13.65
CA HIS B 32 -4.77 15.36 -12.79
C HIS B 32 -4.56 16.21 -11.55
N CYS B 33 -4.75 15.59 -10.40
CA CYS B 33 -4.59 16.30 -9.18
C CYS B 33 -3.59 15.53 -8.33
N GLN B 34 -2.47 16.17 -8.04
CA GLN B 34 -1.45 15.48 -7.26
C GLN B 34 -1.15 16.17 -5.93
N PHE B 35 -0.96 15.39 -4.89
CA PHE B 35 -0.65 15.94 -3.59
C PHE B 35 0.10 14.91 -2.77
N VAL B 36 0.48 15.26 -1.55
CA VAL B 36 1.20 14.31 -0.76
C VAL B 36 0.49 14.11 0.58
N LEU B 37 0.24 12.86 0.94
CA LEU B 37 -0.47 12.51 2.16
C LEU B 37 0.44 12.05 3.29
N GLU B 38 0.30 12.64 4.46
CA GLU B 38 1.15 12.28 5.55
C GLU B 38 0.42 11.44 6.56
N HIS B 39 0.79 10.17 6.59
CA HIS B 39 0.20 9.23 7.51
C HIS B 39 1.05 9.12 8.79
N ARG B 40 0.41 8.82 9.91
CA ARG B 40 1.10 8.71 11.19
C ARG B 40 0.15 7.90 12.07
N SER B 41 0.61 6.78 12.61
CA SER B 41 -0.25 5.94 13.45
C SER B 41 0.56 4.94 14.26
N VAL B 42 -0.09 4.28 15.21
CA VAL B 42 0.55 3.30 16.09
C VAL B 42 -0.19 1.99 15.95
N GLN B 43 0.55 0.88 15.81
CA GLN B 43 -0.10 -0.44 15.64
C GLN B 43 0.76 -1.72 15.73
N GLU B 44 0.07 -2.88 15.62
CA GLU B 44 0.55 -4.29 15.65
C GLU B 44 -0.40 -5.17 16.52
N GLU B 45 -0.70 -6.37 16.03
CA GLU B 45 -1.60 -7.39 16.62
C GLU B 45 -2.09 -7.21 18.06
N ALA B 46 -1.54 -7.96 18.99
CA ALA B 46 -2.00 -7.85 20.36
C ALA B 46 -1.53 -6.62 21.12
N GLY B 47 -0.31 -6.65 21.66
CA GLY B 47 0.17 -5.51 22.44
C GLY B 47 1.62 -5.12 22.24
N PHE B 48 2.15 -5.33 21.03
CA PHE B 48 3.52 -4.94 20.75
C PHE B 48 3.33 -3.61 20.01
N HIS B 49 4.00 -2.55 20.49
CA HIS B 49 3.87 -1.22 19.88
C HIS B 49 4.82 -0.86 18.76
N ARG B 50 4.28 -0.66 17.57
CA ARG B 50 5.10 -0.26 16.43
C ARG B 50 4.52 1.09 16.05
N GLN B 51 5.33 1.97 15.48
CA GLN B 51 4.80 3.26 15.07
C GLN B 51 4.81 3.32 13.56
N ALA B 52 3.89 4.08 12.98
CA ALA B 52 3.82 4.18 11.52
C ALA B 52 3.76 5.61 10.99
N TRP B 53 4.58 5.88 9.98
CA TRP B 53 4.65 7.20 9.35
C TRP B 53 4.98 6.99 7.87
N CYS B 54 4.46 7.85 7.00
CA CYS B 54 4.77 7.72 5.59
C CYS B 54 4.09 8.82 4.75
N GLN B 55 4.85 9.46 3.86
CA GLN B 55 4.33 10.51 3.01
C GLN B 55 4.18 10.00 1.59
N MET B 56 3.00 9.44 1.34
CA MET B 56 2.69 8.88 0.07
C MET B 56 2.26 9.82 -1.04
N PRO B 57 3.09 9.97 -2.07
CA PRO B 57 2.65 10.86 -3.14
C PRO B 57 1.38 10.27 -3.74
N VAL B 58 0.34 11.09 -3.83
CA VAL B 58 -0.92 10.61 -4.39
C VAL B 58 -1.27 11.35 -5.65
N ILE B 59 -1.84 10.66 -6.62
CA ILE B 59 -2.33 11.33 -7.83
C ILE B 59 -3.79 10.91 -8.00
N VAL B 60 -4.63 11.86 -8.38
CA VAL B 60 -6.03 11.56 -8.60
C VAL B 60 -6.28 11.94 -10.05
N SER B 61 -6.32 10.90 -10.87
CA SER B 61 -6.44 11.04 -12.32
C SER B 61 -7.80 10.72 -12.93
N GLY B 62 -8.29 11.64 -13.76
CA GLY B 62 -9.60 11.46 -14.39
C GLY B 62 -10.65 12.46 -13.92
N HIS B 63 -11.70 12.58 -14.73
CA HIS B 63 -12.83 13.49 -14.49
C HIS B 63 -13.70 13.10 -13.30
N GLU B 64 -13.99 11.81 -13.24
CA GLU B 64 -14.80 11.22 -12.19
C GLU B 64 -14.46 11.69 -10.75
N ASN B 65 -13.18 11.70 -10.38
CA ASN B 65 -12.77 12.10 -9.02
C ASN B 65 -12.29 13.54 -8.79
N GLN B 66 -12.14 14.33 -9.86
CA GLN B 66 -11.68 15.72 -9.72
C GLN B 66 -12.73 16.64 -9.11
N ALA B 67 -13.94 16.14 -9.04
CA ALA B 67 -15.02 16.88 -8.43
C ALA B 67 -14.67 17.05 -6.95
N ILE B 68 -14.79 15.98 -6.16
CA ILE B 68 -14.50 16.05 -4.71
C ILE B 68 -13.20 16.76 -4.34
N THR B 69 -12.27 16.83 -5.29
CA THR B 69 -10.95 17.43 -5.10
C THR B 69 -10.84 18.93 -4.77
N HIS B 70 -11.56 19.79 -5.48
CA HIS B 70 -11.48 21.22 -5.20
C HIS B 70 -11.73 21.51 -3.70
N SER B 71 -11.76 20.48 -2.87
CA SER B 71 -12.01 20.63 -1.43
C SER B 71 -10.84 20.28 -0.51
N ILE B 72 -9.81 19.63 -1.02
CA ILE B 72 -8.69 19.28 -0.13
C ILE B 72 -7.50 20.22 -0.30
N THR B 73 -6.99 20.67 0.84
CA THR B 73 -5.88 21.60 0.88
C THR B 73 -4.91 21.14 1.95
N VAL B 74 -3.74 21.78 2.02
CA VAL B 74 -2.75 21.44 3.04
C VAL B 74 -3.46 21.42 4.39
N GLY B 75 -3.28 20.35 5.14
CA GLY B 75 -3.93 20.28 6.45
C GLY B 75 -5.20 19.47 6.43
N SER B 76 -5.76 19.33 5.24
CA SER B 76 -6.99 18.59 5.00
C SER B 76 -6.83 17.12 5.35
N ARG B 77 -7.72 16.56 6.16
CA ARG B 77 -7.59 15.14 6.48
C ARG B 77 -8.53 14.34 5.58
N ILE B 78 -8.01 13.29 4.97
CA ILE B 78 -8.80 12.45 4.07
C ILE B 78 -8.22 11.05 4.05
N THR B 79 -9.00 10.12 3.50
CA THR B 79 -8.58 8.75 3.34
C THR B 79 -8.70 8.52 1.87
N VAL B 80 -7.73 7.82 1.30
CA VAL B 80 -7.79 7.52 -0.13
C VAL B 80 -7.56 6.03 -0.34
N GLN B 81 -8.19 5.47 -1.35
CA GLN B 81 -8.07 4.06 -1.67
C GLN B 81 -7.75 3.94 -3.14
N GLY B 82 -6.77 3.13 -3.48
CA GLY B 82 -6.41 3.02 -4.86
C GLY B 82 -5.19 2.13 -4.96
N PHE B 83 -4.59 2.11 -6.13
CA PHE B 83 -3.43 1.30 -6.36
C PHE B 83 -2.12 2.05 -6.44
N ILE B 84 -1.08 1.35 -6.05
CA ILE B 84 0.31 1.84 -6.03
C ILE B 84 1.15 1.41 -7.23
N SER B 85 1.76 2.34 -7.96
CA SER B 85 2.62 1.97 -9.06
C SER B 85 3.98 2.61 -8.81
N CYS B 86 5.00 2.22 -9.56
CA CYS B 86 6.33 2.73 -9.27
C CYS B 86 7.17 3.08 -10.49
N HIS B 87 7.31 4.37 -10.74
CA HIS B 87 8.04 4.81 -11.93
C HIS B 87 9.52 5.10 -11.64
N LYS B 88 10.27 5.41 -12.68
CA LYS B 88 11.55 6.11 -12.53
C LYS B 88 11.24 7.53 -12.02
N ALA B 89 12.30 8.17 -11.53
CA ALA B 89 12.08 9.58 -11.06
C ALA B 89 12.88 10.51 -11.92
N LYS B 90 13.21 11.67 -11.37
CA LYS B 90 13.99 12.62 -12.14
C LYS B 90 15.46 12.52 -11.77
N ASN B 91 15.76 11.57 -10.91
CA ASN B 91 17.14 11.31 -10.50
C ASN B 91 17.15 9.98 -9.77
N GLY B 92 16.47 9.89 -8.62
CA GLY B 92 16.39 8.66 -7.85
C GLY B 92 15.46 7.72 -8.56
N LEU B 93 15.93 6.51 -8.87
CA LEU B 93 15.19 5.50 -9.64
C LEU B 93 13.68 5.30 -9.47
N SER B 94 13.26 4.51 -8.49
CA SER B 94 11.83 4.26 -8.36
C SER B 94 11.03 5.10 -7.36
N LYS B 95 10.02 5.78 -7.88
CA LYS B 95 9.13 6.55 -7.02
C LYS B 95 7.85 5.73 -6.88
N MET B 96 7.18 5.93 -5.76
CA MET B 96 5.94 5.22 -5.48
C MET B 96 4.82 6.26 -5.40
N VAL B 97 3.69 5.93 -6.01
CA VAL B 97 2.58 6.81 -6.06
C VAL B 97 1.30 6.02 -5.97
N LEU B 98 0.42 6.46 -5.08
CA LEU B 98 -0.87 5.83 -4.91
C LEU B 98 -1.83 6.58 -5.85
N HIS B 99 -2.49 5.86 -6.76
CA HIS B 99 -3.47 6.44 -7.67
C HIS B 99 -4.83 6.26 -6.98
N ALA B 100 -5.43 7.35 -6.53
CA ALA B 100 -6.70 7.28 -5.81
C ALA B 100 -7.90 6.99 -6.69
N GLU B 101 -8.62 5.96 -6.36
CA GLU B 101 -9.84 5.66 -7.11
C GLU B 101 -11.08 6.00 -6.28
N GLN B 102 -10.80 6.42 -5.03
CA GLN B 102 -11.86 6.71 -4.13
C GLN B 102 -11.37 7.52 -2.95
N ILE B 103 -12.02 8.64 -2.72
CA ILE B 103 -11.62 9.53 -1.65
C ILE B 103 -12.65 9.56 -0.52
N GLU B 104 -12.24 10.11 0.61
CA GLU B 104 -13.14 10.27 1.74
C GLU B 104 -12.60 11.41 2.56
N LEU B 105 -13.37 12.50 2.61
CA LEU B 105 -12.98 13.65 3.43
C LEU B 105 -13.50 13.32 4.82
N ILE B 106 -12.60 13.08 5.72
CA ILE B 106 -13.04 12.68 7.04
C ILE B 106 -13.66 13.86 7.79
N ASP B 107 -13.61 15.06 7.16
CA ASP B 107 -14.24 16.30 7.63
C ASP B 107 -15.76 16.12 7.55
N SER B 108 -16.22 15.48 6.48
CA SER B 108 -17.64 15.21 6.31
C SER B 108 -18.04 14.10 7.26
N VAL B 109 -17.06 13.34 7.73
CA VAL B 109 -17.41 12.28 8.66
C VAL B 109 -17.80 12.97 9.94
N ASP B 110 -16.92 13.84 10.44
CA ASP B 110 -17.18 14.60 11.66
C ASP B 110 -18.46 15.41 11.46
N LYS B 111 -18.53 16.12 10.33
CA LYS B 111 -19.72 16.92 9.96
C LYS B 111 -20.99 16.09 10.02
N LEU B 112 -20.92 14.79 9.77
CA LEU B 112 -22.12 13.96 9.82
C LEU B 112 -22.40 13.38 11.20
N ALA B 113 -21.33 13.15 11.95
CA ALA B 113 -21.48 12.58 13.27
C ALA B 113 -22.06 13.63 14.22
N ALA B 114 -21.65 14.88 13.98
CA ALA B 114 -22.04 16.06 14.75
C ALA B 114 -23.52 16.41 14.61
N ALA B 115 -23.96 16.48 13.34
CA ALA B 115 -25.32 16.79 12.96
C ALA B 115 -26.26 15.78 13.56
N LEU B 116 -25.69 14.67 13.99
CA LEU B 116 -26.48 13.60 14.62
C LEU B 116 -26.53 13.89 16.13
N GLU B 117 -25.36 14.13 16.69
CA GLU B 117 -25.26 14.39 18.12
C GLU B 117 -25.99 15.66 18.47
N HIS B 118 -26.16 16.57 17.51
CA HIS B 118 -26.81 17.84 17.81
C HIS B 118 -28.06 18.32 17.06
N HIS B 119 -28.90 17.42 16.53
CA HIS B 119 -30.09 17.92 15.83
C HIS B 119 -31.45 17.88 16.56
N HIS B 120 -31.46 18.54 17.72
CA HIS B 120 -32.60 18.74 18.63
C HIS B 120 -33.99 18.24 18.22
N HIS B 121 -34.64 18.94 17.43
#